data_2PUA
#
_entry.id   2PUA
#
_cell.length_a   175.650
_cell.length_b   94.680
_cell.length_c   81.830
_cell.angle_alpha   90.00
_cell.angle_beta   90.00
_cell.angle_gamma   90.00
#
_symmetry.space_group_name_H-M   'C 2 2 21'
#
loop_
_entity.id
_entity.type
_entity.pdbx_description
1 polymer "DNA (5'-D(*TP*AP*CP*GP*CP*AP*AP*AP*CP*GP*TP*TP*TP*GP*CP*GP*T )-3')"
2 polymer 'PURINE REPRESSOR'
3 non-polymer 6-METHYLPURINE
4 water water
#
loop_
_entity_poly.entity_id
_entity_poly.type
_entity_poly.pdbx_seq_one_letter_code
_entity_poly.pdbx_strand_id
1 'polydeoxyribonucleotide' (DT)(DA)(DC)(DG)(DC)(DA)(DA)(DA)(DC)(DG)(DT)(DT)(DT)(DG)(DC)(DG)(DT) B
2 'polypeptide(L)'
;ATIKDVAKRANVSTTTVSHVINKTRFVAEETRNAVWAAIKELHYSPSAVARSLKVNHTKSIGLLATSSEAAYFAEIIEAV
EKNCFQKGYTLILGNAWNNLEKQRAYLSMMAQKRVDGLLVMCSEYPEPLLAMLEEYRHIPMVVMDWGEAKADFTDAVIDN
AFEGGYMAGRYLIERGHREIGVIPGPLEANTGAGRLAGFMKAMEEAMIKVPESWIVQGDFEPESGYRAMQQILSQPHRPT
AVFCGGDIMAMGALCAADEMGLRVPQDVSLIGYDNVRNARYFTPALTTIHQPKDSLGETAFNMLLDRIVNKREEPQSIEV
HPRLIERRSVADGPFRDYRR
;
A
#
# COMPACT_ATOMS: atom_id res chain seq x y z
N ALA B 1 18.37 -3.70 -35.93
CA ALA B 1 18.90 -2.36 -35.66
C ALA B 1 17.82 -1.26 -35.70
N THR B 2 17.63 -0.58 -36.84
CA THR B 2 16.61 0.44 -36.85
C THR B 2 15.48 0.17 -37.82
N ILE B 3 14.35 0.85 -37.64
CA ILE B 3 13.22 0.66 -38.56
C ILE B 3 13.70 0.75 -40.01
N LYS B 4 14.54 1.76 -40.30
CA LYS B 4 15.13 1.97 -41.61
C LYS B 4 15.72 0.67 -42.09
N ASP B 5 16.60 0.12 -41.28
CA ASP B 5 17.22 -1.13 -41.63
C ASP B 5 16.20 -2.20 -41.99
N VAL B 6 15.17 -2.29 -41.17
CA VAL B 6 14.16 -3.27 -41.50
C VAL B 6 13.50 -3.02 -42.88
N ALA B 7 13.02 -1.80 -43.12
CA ALA B 7 12.34 -1.56 -44.42
C ALA B 7 13.17 -1.95 -45.66
N LYS B 8 14.46 -1.67 -45.55
CA LYS B 8 15.41 -1.92 -46.57
C LYS B 8 15.57 -3.38 -46.82
N ARG B 9 15.69 -4.14 -45.76
CA ARG B 9 15.83 -5.56 -45.98
C ARG B 9 14.53 -6.05 -46.64
N ALA B 10 13.43 -5.45 -46.20
CA ALA B 10 12.10 -5.76 -46.65
C ALA B 10 11.79 -5.17 -47.99
N ASN B 11 12.53 -4.14 -48.35
CA ASN B 11 12.30 -3.49 -49.62
C ASN B 11 10.92 -2.93 -49.57
N VAL B 12 10.65 -2.16 -48.54
CA VAL B 12 9.35 -1.56 -48.37
C VAL B 12 9.67 -0.35 -47.56
N SER B 13 8.71 0.51 -47.39
CA SER B 13 8.93 1.70 -46.63
C SER B 13 8.77 1.52 -45.14
N THR B 14 9.39 2.41 -44.41
CA THR B 14 9.28 2.31 -42.99
C THR B 14 7.85 2.46 -42.57
N THR B 15 7.11 3.25 -43.34
CA THR B 15 5.71 3.46 -43.04
C THR B 15 5.10 2.08 -43.03
N THR B 16 5.39 1.32 -44.06
CA THR B 16 4.87 -0.02 -44.15
C THR B 16 5.29 -0.80 -42.91
N VAL B 17 6.61 -0.95 -42.71
CA VAL B 17 7.17 -1.69 -41.54
C VAL B 17 6.43 -1.38 -40.24
N SER B 18 6.27 -0.11 -40.01
CA SER B 18 5.58 0.32 -38.88
C SER B 18 4.10 -0.19 -38.89
N HIS B 19 3.42 -0.15 -40.01
CA HIS B 19 2.02 -0.57 -40.00
C HIS B 19 1.91 -2.05 -39.73
N VAL B 20 2.89 -2.81 -40.23
CA VAL B 20 2.77 -4.26 -40.01
C VAL B 20 3.13 -4.61 -38.59
N ILE B 21 3.92 -3.74 -38.00
CA ILE B 21 4.30 -3.96 -36.65
C ILE B 21 3.20 -3.54 -35.69
N ASN B 22 2.39 -2.57 -36.04
CA ASN B 22 1.33 -2.21 -35.10
C ASN B 22 -0.04 -2.55 -35.64
N LYS B 23 -0.09 -3.21 -36.81
CA LYS B 23 -1.32 -3.61 -37.52
C LYS B 23 -2.18 -2.42 -37.48
N THR B 24 -1.63 -1.31 -37.91
CA THR B 24 -2.39 -0.12 -37.82
C THR B 24 -3.08 0.11 -39.16
N ARG B 25 -2.83 -0.81 -40.09
CA ARG B 25 -3.46 -0.69 -41.38
C ARG B 25 -3.22 -1.97 -42.20
N PHE B 26 -4.02 -2.27 -43.20
CA PHE B 26 -3.80 -3.52 -43.93
C PHE B 26 -2.50 -3.66 -44.67
N VAL B 27 -1.91 -4.82 -44.59
CA VAL B 27 -0.65 -4.99 -45.36
C VAL B 27 -0.71 -6.31 -46.05
N ALA B 28 -0.27 -6.33 -47.29
CA ALA B 28 -0.28 -7.56 -48.04
C ALA B 28 0.46 -8.71 -47.26
N GLU B 29 -0.04 -9.95 -47.35
CA GLU B 29 0.60 -11.06 -46.61
C GLU B 29 2.05 -11.13 -46.93
N GLU B 30 2.24 -11.32 -48.22
CA GLU B 30 3.55 -11.39 -48.78
C GLU B 30 4.34 -10.18 -48.19
N THR B 31 3.68 -9.05 -48.17
CA THR B 31 4.31 -7.89 -47.61
C THR B 31 4.62 -8.09 -46.12
N ARG B 32 3.58 -8.29 -45.35
CA ARG B 32 3.71 -8.55 -43.94
C ARG B 32 4.83 -9.53 -43.60
N ASN B 33 4.81 -10.68 -44.25
CA ASN B 33 5.81 -11.71 -44.00
C ASN B 33 7.20 -11.20 -44.05
N ALA B 34 7.56 -10.71 -45.23
CA ALA B 34 8.87 -10.16 -45.49
C ALA B 34 9.36 -9.26 -44.35
N VAL B 35 8.51 -8.34 -43.98
CA VAL B 35 8.82 -7.44 -42.93
C VAL B 35 9.11 -8.25 -41.68
N TRP B 36 8.27 -9.24 -41.45
CA TRP B 36 8.46 -10.05 -40.29
C TRP B 36 9.82 -10.67 -40.41
N ALA B 37 10.05 -11.28 -41.55
CA ALA B 37 11.31 -11.91 -41.83
C ALA B 37 12.46 -10.97 -41.57
N ALA B 38 12.35 -9.76 -42.11
CA ALA B 38 13.40 -8.78 -41.95
C ALA B 38 13.61 -8.60 -40.46
N ILE B 39 12.51 -8.29 -39.80
CA ILE B 39 12.51 -8.05 -38.38
C ILE B 39 13.23 -9.14 -37.68
N LYS B 40 13.05 -10.33 -38.17
CA LYS B 40 13.66 -11.35 -37.46
C LYS B 40 15.08 -11.76 -37.61
N GLU B 41 15.74 -11.32 -38.67
CA GLU B 41 17.13 -11.66 -38.82
C GLU B 41 17.82 -10.48 -38.15
N LEU B 42 17.43 -9.30 -38.58
CA LEU B 42 18.00 -8.08 -38.06
C LEU B 42 17.86 -8.08 -36.58
N HIS B 43 16.95 -8.91 -36.10
CA HIS B 43 16.72 -8.99 -34.70
C HIS B 43 16.32 -7.61 -34.25
N TYR B 44 15.26 -7.07 -34.87
CA TYR B 44 14.79 -5.74 -34.55
C TYR B 44 13.97 -5.61 -33.27
N SER B 45 14.15 -4.51 -32.58
CA SER B 45 13.37 -4.25 -31.40
C SER B 45 12.97 -2.81 -31.48
N PRO B 46 11.71 -2.63 -31.61
CA PRO B 46 11.15 -1.33 -31.72
C PRO B 46 11.54 -0.47 -30.53
N SER B 47 11.91 0.79 -30.79
CA SER B 47 12.25 1.69 -29.70
C SER B 47 11.09 2.47 -29.09
N ALA B 48 10.67 2.02 -27.92
CA ALA B 48 9.58 2.69 -27.21
C ALA B 48 9.93 4.16 -26.92
N VAL B 49 11.20 4.49 -26.97
CA VAL B 49 11.49 5.86 -26.61
C VAL B 49 11.05 6.72 -27.71
N ALA B 50 11.49 6.25 -28.88
CA ALA B 50 11.17 6.89 -30.12
C ALA B 50 9.66 6.99 -30.09
N ARG B 51 9.04 5.81 -29.98
CA ARG B 51 7.65 5.79 -29.98
C ARG B 51 6.96 6.74 -28.99
N SER B 52 7.35 6.74 -27.73
CA SER B 52 6.68 7.59 -26.76
C SER B 52 6.77 8.97 -27.16
N LEU B 53 7.94 9.26 -27.73
CA LEU B 53 8.25 10.59 -28.22
C LEU B 53 7.20 11.08 -29.20
N LYS B 54 6.83 10.25 -30.18
CA LYS B 54 5.77 10.65 -31.13
C LYS B 54 4.36 10.63 -30.53
N VAL B 55 3.96 9.48 -30.05
CA VAL B 55 2.63 9.23 -29.45
C VAL B 55 2.29 9.90 -28.15
N ASN B 56 3.29 10.43 -27.46
CA ASN B 56 3.03 11.10 -26.19
C ASN B 56 2.52 10.33 -24.99
N HIS B 57 3.17 9.23 -24.69
CA HIS B 57 2.83 8.43 -23.55
C HIS B 57 3.80 7.30 -23.49
N THR B 58 4.16 6.96 -22.27
CA THR B 58 5.14 5.92 -22.04
C THR B 58 4.69 4.54 -21.67
N LYS B 59 3.41 4.39 -21.35
CA LYS B 59 2.87 3.09 -20.96
C LYS B 59 3.75 2.60 -19.79
N SER B 60 3.92 3.52 -18.85
CA SER B 60 4.71 3.26 -17.73
C SER B 60 4.19 4.15 -16.57
N ILE B 61 3.97 3.51 -15.39
CA ILE B 61 3.47 4.18 -14.17
C ILE B 61 4.55 4.23 -13.10
N GLY B 62 4.49 5.28 -12.30
CA GLY B 62 5.43 5.46 -11.23
C GLY B 62 4.80 5.36 -9.84
N LEU B 63 5.36 4.47 -9.02
CA LEU B 63 4.94 4.24 -7.64
C LEU B 63 5.95 4.89 -6.75
N LEU B 64 5.51 5.95 -6.09
CA LEU B 64 6.38 6.65 -5.19
C LEU B 64 6.00 6.11 -3.83
N ALA B 65 6.70 5.05 -3.44
CA ALA B 65 6.47 4.39 -2.16
C ALA B 65 7.27 4.96 -1.01
N THR B 66 6.92 4.53 0.18
CA THR B 66 7.61 4.96 1.39
C THR B 66 8.87 4.10 1.64
N SER B 67 8.70 2.79 1.59
CA SER B 67 9.78 1.83 1.74
C SER B 67 9.12 0.64 1.06
N SER B 68 9.87 -0.35 0.64
CA SER B 68 9.22 -1.46 0.00
C SER B 68 9.53 -2.84 0.68
N GLU B 69 10.42 -2.91 1.69
CA GLU B 69 10.71 -4.20 2.35
C GLU B 69 9.58 -4.58 3.29
N ALA B 70 9.06 -3.59 4.03
CA ALA B 70 7.95 -3.81 4.93
C ALA B 70 6.79 -4.71 4.37
N ALA B 71 6.48 -5.73 5.14
CA ALA B 71 5.49 -6.73 4.81
C ALA B 71 4.27 -6.15 4.12
N TYR B 72 3.67 -5.16 4.79
CA TYR B 72 2.48 -4.45 4.38
C TYR B 72 2.72 -3.99 2.95
N PHE B 73 3.57 -3.02 2.92
CA PHE B 73 3.99 -2.41 1.71
C PHE B 73 4.32 -3.33 0.55
N ALA B 74 5.16 -4.28 0.84
CA ALA B 74 5.63 -5.18 -0.16
C ALA B 74 4.49 -5.80 -0.88
N GLU B 75 3.58 -6.21 -0.03
CA GLU B 75 2.41 -6.89 -0.43
C GLU B 75 1.54 -6.08 -1.39
N ILE B 76 1.34 -4.80 -1.10
CA ILE B 76 0.52 -4.00 -1.99
C ILE B 76 1.26 -3.87 -3.29
N ILE B 77 2.49 -3.45 -3.15
CA ILE B 77 3.32 -3.25 -4.28
C ILE B 77 3.27 -4.38 -5.32
N GLU B 78 3.41 -5.59 -4.84
CA GLU B 78 3.37 -6.75 -5.72
C GLU B 78 2.05 -6.74 -6.48
N ALA B 79 1.04 -6.20 -5.83
CA ALA B 79 -0.25 -6.19 -6.46
C ALA B 79 -0.26 -5.29 -7.62
N VAL B 80 0.00 -4.01 -7.31
CA VAL B 80 0.08 -2.94 -8.28
C VAL B 80 0.86 -3.45 -9.46
N GLU B 81 2.01 -4.05 -9.14
CA GLU B 81 2.79 -4.58 -10.19
C GLU B 81 1.97 -5.56 -11.03
N LYS B 82 1.24 -6.46 -10.40
CA LYS B 82 0.44 -7.41 -11.19
C LYS B 82 -0.50 -6.62 -12.12
N ASN B 83 -0.99 -5.48 -11.65
CA ASN B 83 -1.88 -4.74 -12.51
C ASN B 83 -1.26 -4.05 -13.70
N CYS B 84 -0.12 -3.41 -13.51
CA CYS B 84 0.55 -2.75 -14.60
C CYS B 84 0.85 -3.75 -15.66
N PHE B 85 1.27 -4.93 -15.27
CA PHE B 85 1.60 -5.92 -16.27
C PHE B 85 0.45 -6.39 -17.11
N GLN B 86 -0.65 -6.73 -16.47
CA GLN B 86 -1.69 -7.25 -17.30
C GLN B 86 -2.34 -6.34 -18.25
N LYS B 87 -2.14 -5.06 -17.95
CA LYS B 87 -2.69 -3.95 -18.72
C LYS B 87 -1.64 -3.24 -19.50
N GLY B 88 -0.54 -3.93 -19.77
CA GLY B 88 0.51 -3.30 -20.55
C GLY B 88 1.47 -2.26 -19.98
N TYR B 89 1.23 -1.81 -18.76
CA TYR B 89 2.13 -0.85 -18.13
C TYR B 89 3.53 -1.34 -17.60
N THR B 90 4.32 -0.42 -17.10
CA THR B 90 5.67 -0.70 -16.65
C THR B 90 5.85 0.03 -15.34
N LEU B 91 6.34 -0.71 -14.37
CA LEU B 91 6.46 -0.07 -13.10
C LEU B 91 7.80 0.53 -12.70
N ILE B 92 7.71 1.77 -12.25
CA ILE B 92 8.86 2.39 -11.78
C ILE B 92 8.66 2.49 -10.30
N LEU B 93 9.45 1.68 -9.61
CA LEU B 93 9.41 1.65 -8.18
C LEU B 93 10.32 2.72 -7.60
N GLY B 94 9.89 3.44 -6.59
CA GLY B 94 10.77 4.46 -5.98
C GLY B 94 10.41 4.78 -4.51
N ASN B 95 11.30 4.45 -3.58
CA ASN B 95 11.03 4.70 -2.15
C ASN B 95 11.69 5.98 -1.68
N ALA B 96 10.93 6.85 -1.01
CA ALA B 96 11.39 8.16 -0.46
C ALA B 96 11.74 8.13 1.01
N TRP B 97 11.35 7.03 1.66
CA TRP B 97 11.66 6.85 3.05
C TRP B 97 11.19 7.95 3.91
N ASN B 98 10.29 8.78 3.39
CA ASN B 98 9.77 9.92 4.15
C ASN B 98 10.79 11.09 4.16
N ASN B 99 11.65 11.13 3.16
CA ASN B 99 12.67 12.20 3.04
C ASN B 99 12.25 13.16 1.97
N LEU B 100 11.76 14.34 2.40
CA LEU B 100 11.26 15.35 1.52
C LEU B 100 12.11 15.55 0.29
N GLU B 101 13.40 15.58 0.55
CA GLU B 101 14.38 15.77 -0.49
C GLU B 101 14.23 14.61 -1.43
N LYS B 102 14.40 13.42 -0.87
CA LYS B 102 14.26 12.21 -1.62
C LYS B 102 12.88 12.25 -2.34
N GLN B 103 11.94 12.93 -1.72
CA GLN B 103 10.66 13.02 -2.33
C GLN B 103 10.65 13.98 -3.47
N ARG B 104 11.26 15.16 -3.32
CA ARG B 104 11.25 16.05 -4.53
C ARG B 104 12.08 15.32 -5.60
N ALA B 105 13.10 14.64 -5.12
CA ALA B 105 13.93 13.91 -6.00
C ALA B 105 13.19 12.98 -6.97
N TYR B 106 12.53 12.02 -6.40
CA TYR B 106 11.90 11.06 -7.22
C TYR B 106 10.86 11.64 -8.09
N LEU B 107 10.05 12.48 -7.47
CA LEU B 107 8.94 13.09 -8.10
C LEU B 107 9.39 13.70 -9.41
N SER B 108 10.41 14.53 -9.33
CA SER B 108 10.96 15.11 -10.54
C SER B 108 11.44 14.12 -11.62
N MET B 109 12.29 13.17 -11.26
CA MET B 109 12.80 12.21 -12.21
C MET B 109 11.63 11.55 -12.90
N MET B 110 10.52 11.44 -12.20
CA MET B 110 9.40 10.76 -12.76
C MET B 110 8.74 11.50 -13.92
N ALA B 111 8.48 12.77 -13.63
CA ALA B 111 7.88 13.71 -14.56
C ALA B 111 8.69 13.70 -15.85
N GLN B 112 9.98 13.93 -15.62
CA GLN B 112 10.99 13.94 -16.63
C GLN B 112 10.91 12.69 -17.44
N LYS B 113 10.82 11.57 -16.76
CA LYS B 113 10.69 10.29 -17.44
C LYS B 113 9.27 10.20 -18.02
N ARG B 114 8.44 11.20 -17.73
CA ARG B 114 7.12 11.25 -18.31
C ARG B 114 6.20 10.05 -18.14
N VAL B 115 6.12 9.58 -16.92
CA VAL B 115 5.27 8.46 -16.55
C VAL B 115 3.83 8.86 -16.80
N ASP B 116 3.04 7.92 -17.35
CA ASP B 116 1.64 8.20 -17.65
C ASP B 116 0.78 8.59 -16.43
N GLY B 117 1.08 8.02 -15.29
CA GLY B 117 0.34 8.35 -14.07
C GLY B 117 1.29 8.13 -12.87
N LEU B 118 0.78 8.50 -11.69
CA LEU B 118 1.52 8.40 -10.44
C LEU B 118 0.80 7.84 -9.23
N LEU B 119 1.28 6.69 -8.75
CA LEU B 119 0.75 6.01 -7.52
C LEU B 119 1.58 6.55 -6.36
N VAL B 120 0.86 7.02 -5.33
CA VAL B 120 1.46 7.61 -4.13
C VAL B 120 1.08 7.07 -2.77
N MET B 121 2.10 6.60 -2.04
CA MET B 121 2.00 6.01 -0.71
C MET B 121 3.10 6.54 0.20
N CYS B 122 3.01 7.80 0.59
CA CYS B 122 4.05 8.39 1.41
C CYS B 122 3.88 8.34 2.89
N SER B 123 2.88 7.61 3.33
CA SER B 123 2.66 7.47 4.75
C SER B 123 2.32 8.80 5.40
N GLU B 124 3.29 9.64 5.70
CA GLU B 124 2.94 10.91 6.30
C GLU B 124 2.84 11.95 5.20
N TYR B 125 2.01 12.96 5.43
CA TYR B 125 1.79 14.02 4.45
C TYR B 125 1.85 15.42 5.07
N PRO B 126 3.02 16.00 5.11
CA PRO B 126 3.16 17.32 5.69
C PRO B 126 2.79 18.31 4.60
N GLU B 127 2.54 19.56 4.96
CA GLU B 127 2.18 20.54 3.94
C GLU B 127 3.23 20.56 2.86
N PRO B 128 4.49 20.78 3.24
CA PRO B 128 5.59 20.80 2.28
C PRO B 128 5.46 19.68 1.25
N LEU B 129 5.03 18.50 1.69
CA LEU B 129 4.90 17.42 0.72
C LEU B 129 3.70 17.59 -0.11
N LEU B 130 2.62 17.93 0.55
CA LEU B 130 1.38 18.10 -0.15
C LEU B 130 1.62 19.16 -1.20
N ALA B 131 2.43 20.14 -0.83
CA ALA B 131 2.75 21.23 -1.74
C ALA B 131 3.42 20.72 -3.03
N MET B 132 4.53 19.98 -2.87
CA MET B 132 5.25 19.45 -4.02
C MET B 132 4.26 18.72 -4.86
N LEU B 133 3.48 17.87 -4.20
CA LEU B 133 2.47 17.08 -4.89
C LEU B 133 1.61 17.90 -5.87
N GLU B 134 1.05 19.02 -5.39
CA GLU B 134 0.20 19.85 -6.23
C GLU B 134 0.89 20.26 -7.54
N GLU B 135 2.11 20.75 -7.40
CA GLU B 135 2.93 21.15 -8.52
C GLU B 135 2.88 20.20 -9.70
N TYR B 136 2.45 18.99 -9.42
CA TYR B 136 2.38 17.95 -10.40
C TYR B 136 0.96 17.49 -10.72
N ARG B 137 -0.01 18.37 -10.42
CA ARG B 137 -1.40 18.04 -10.69
C ARG B 137 -1.55 17.65 -12.14
N HIS B 138 -0.63 18.14 -12.96
CA HIS B 138 -0.74 17.81 -14.35
C HIS B 138 -0.71 16.31 -14.56
N ILE B 139 0.21 15.63 -13.88
CA ILE B 139 0.26 14.19 -14.00
C ILE B 139 -0.88 13.54 -13.24
N PRO B 140 -1.52 12.59 -13.89
CA PRO B 140 -2.62 11.85 -13.27
C PRO B 140 -2.03 11.07 -12.12
N MET B 141 -2.69 11.15 -10.96
CA MET B 141 -2.21 10.42 -9.81
C MET B 141 -3.19 10.04 -8.75
N VAL B 142 -2.88 8.99 -8.01
CA VAL B 142 -3.76 8.72 -6.93
C VAL B 142 -2.98 8.44 -5.68
N VAL B 143 -3.51 8.93 -4.54
CA VAL B 143 -2.86 8.65 -3.28
C VAL B 143 -3.57 7.49 -2.61
N MET B 144 -2.88 6.35 -2.59
CA MET B 144 -3.49 5.16 -2.05
C MET B 144 -3.70 5.09 -0.53
N ASP B 145 -3.15 6.04 0.22
CA ASP B 145 -3.23 6.02 1.68
C ASP B 145 -3.71 7.22 2.50
N TRP B 146 -4.81 7.86 2.12
CA TRP B 146 -5.28 8.96 2.96
C TRP B 146 -6.42 8.40 3.79
N GLY B 147 -6.84 9.13 4.82
CA GLY B 147 -7.97 8.66 5.63
C GLY B 147 -9.22 9.39 5.11
N GLU B 148 -8.96 10.58 4.59
CA GLU B 148 -9.96 11.45 4.03
C GLU B 148 -9.30 11.95 2.75
N ALA B 149 -10.05 12.73 1.97
CA ALA B 149 -9.52 13.31 0.73
C ALA B 149 -8.71 14.54 1.12
N LYS B 150 -7.43 14.34 1.37
CA LYS B 150 -6.54 15.42 1.74
C LYS B 150 -6.60 16.61 0.75
N ALA B 151 -6.73 16.34 -0.55
CA ALA B 151 -6.78 17.42 -1.52
C ALA B 151 -7.76 17.19 -2.58
N ASP B 152 -7.83 18.20 -3.42
CA ASP B 152 -8.75 18.26 -4.53
C ASP B 152 -8.05 17.85 -5.81
N PHE B 153 -6.74 17.85 -5.79
CA PHE B 153 -6.08 17.53 -7.01
C PHE B 153 -5.67 16.07 -7.17
N THR B 154 -6.45 15.13 -6.64
CA THR B 154 -6.06 13.73 -6.80
C THR B 154 -7.10 12.72 -6.56
N ASP B 155 -6.78 11.51 -6.95
CA ASP B 155 -7.67 10.44 -6.65
C ASP B 155 -7.26 9.85 -5.35
N ALA B 156 -8.24 9.22 -4.72
CA ALA B 156 -8.01 8.66 -3.41
C ALA B 156 -8.67 7.39 -3.07
N VAL B 157 -7.90 6.54 -2.45
CA VAL B 157 -8.54 5.33 -2.05
C VAL B 157 -8.55 5.44 -0.53
N ILE B 158 -9.68 5.12 0.08
CA ILE B 158 -9.78 5.18 1.54
C ILE B 158 -10.10 3.83 2.21
N ASP B 159 -9.23 3.50 3.17
CA ASP B 159 -9.29 2.25 3.90
C ASP B 159 -10.25 2.14 5.11
N ASN B 160 -10.81 3.25 5.61
CA ASN B 160 -11.73 3.12 6.74
C ASN B 160 -10.92 2.49 7.91
N ALA B 161 -9.75 3.05 8.15
CA ALA B 161 -8.91 2.55 9.17
C ALA B 161 -9.43 2.81 10.58
N PHE B 162 -10.40 3.70 10.66
CA PHE B 162 -11.02 4.05 11.93
C PHE B 162 -12.00 2.93 12.22
N GLU B 163 -12.81 2.58 11.23
CA GLU B 163 -13.76 1.48 11.35
C GLU B 163 -13.00 0.23 11.84
N GLY B 164 -11.79 0.03 11.32
CA GLY B 164 -10.91 -1.11 11.70
C GLY B 164 -10.56 -0.97 13.19
N GLY B 165 -10.02 0.19 13.55
CA GLY B 165 -9.66 0.51 14.93
C GLY B 165 -10.79 0.12 15.86
N TYR B 166 -12.02 0.54 15.51
CA TYR B 166 -13.23 0.26 16.28
C TYR B 166 -13.53 -1.20 16.31
N MET B 167 -13.36 -1.87 15.19
CA MET B 167 -13.65 -3.26 15.22
C MET B 167 -12.73 -3.97 16.21
N ALA B 168 -11.46 -3.63 16.16
CA ALA B 168 -10.48 -4.28 17.08
C ALA B 168 -10.88 -4.14 18.55
N GLY B 169 -11.10 -2.89 18.95
CA GLY B 169 -11.50 -2.65 20.30
C GLY B 169 -12.75 -3.49 20.72
N ARG B 170 -13.80 -3.45 19.87
CA ARG B 170 -15.04 -4.16 20.19
C ARG B 170 -14.78 -5.57 20.53
N TYR B 171 -14.08 -6.26 19.66
CA TYR B 171 -13.75 -7.68 19.90
C TYR B 171 -13.15 -7.84 21.26
N LEU B 172 -12.25 -6.94 21.58
CA LEU B 172 -11.61 -7.01 22.86
C LEU B 172 -12.64 -6.98 23.92
N ILE B 173 -13.41 -5.89 23.94
CA ILE B 173 -14.49 -5.73 24.90
C ILE B 173 -15.39 -6.96 24.90
N GLU B 174 -15.91 -7.30 23.76
CA GLU B 174 -16.80 -8.42 23.66
C GLU B 174 -16.23 -9.73 24.16
N ARG B 175 -14.92 -9.80 24.33
CA ARG B 175 -14.33 -11.05 24.76
C ARG B 175 -14.08 -11.10 26.28
N GLY B 176 -14.44 -10.03 26.97
CA GLY B 176 -14.28 -9.99 28.41
C GLY B 176 -13.18 -9.07 28.91
N HIS B 177 -12.58 -8.29 28.02
CA HIS B 177 -11.53 -7.38 28.49
C HIS B 177 -11.97 -5.97 28.84
N ARG B 178 -11.26 -5.35 29.77
CA ARG B 178 -11.49 -3.98 30.26
C ARG B 178 -10.16 -3.30 30.61
N GLU B 179 -9.10 -4.10 30.79
CA GLU B 179 -7.76 -3.52 31.02
C GLU B 179 -7.03 -3.87 29.75
N ILE B 180 -6.96 -2.85 28.88
CA ILE B 180 -6.37 -3.01 27.58
C ILE B 180 -5.36 -1.96 27.32
N GLY B 181 -4.43 -2.28 26.46
CA GLY B 181 -3.43 -1.31 26.14
C GLY B 181 -3.27 -1.20 24.62
N VAL B 182 -2.43 -0.27 24.21
CA VAL B 182 -2.21 -0.07 22.80
C VAL B 182 -0.82 0.46 22.33
N ILE B 183 -0.32 -0.18 21.29
CA ILE B 183 0.92 0.26 20.79
C ILE B 183 0.60 0.73 19.43
N PRO B 184 0.31 2.00 19.37
CA PRO B 184 -0.07 2.63 18.12
C PRO B 184 1.13 2.82 17.23
N GLY B 185 0.88 2.97 15.93
CA GLY B 185 1.91 3.25 14.95
C GLY B 185 1.89 4.79 14.91
N PRO B 186 2.91 5.45 14.36
CA PRO B 186 2.99 6.92 14.32
C PRO B 186 1.73 7.69 13.98
N LEU B 187 1.45 8.71 14.82
CA LEU B 187 0.27 9.56 14.68
C LEU B 187 0.35 10.39 13.46
N GLU B 188 1.53 10.46 12.86
CA GLU B 188 1.66 11.25 11.64
C GLU B 188 1.13 10.57 10.39
N ALA B 189 0.71 9.31 10.49
CA ALA B 189 0.15 8.59 9.34
C ALA B 189 -1.26 8.12 9.67
N ASN B 190 -2.00 7.82 8.62
CA ASN B 190 -3.37 7.40 8.72
C ASN B 190 -3.53 6.10 9.48
N THR B 191 -2.86 5.08 8.94
CA THR B 191 -2.85 3.75 9.49
C THR B 191 -2.37 3.80 10.91
N GLY B 192 -1.85 4.96 11.33
CA GLY B 192 -1.38 5.17 12.66
C GLY B 192 -2.58 5.79 13.38
N ALA B 193 -2.57 7.09 13.46
CA ALA B 193 -3.65 7.86 14.06
C ALA B 193 -5.05 7.35 13.78
N GLY B 194 -5.31 7.00 12.55
CA GLY B 194 -6.64 6.55 12.28
C GLY B 194 -7.11 5.31 13.01
N ARG B 195 -6.25 4.32 13.04
CA ARG B 195 -6.61 3.06 13.64
C ARG B 195 -6.80 3.32 15.14
N LEU B 196 -5.93 4.15 15.70
CA LEU B 196 -5.96 4.43 17.11
C LEU B 196 -7.15 5.11 17.59
N ALA B 197 -7.63 6.00 16.75
CA ALA B 197 -8.78 6.74 17.12
C ALA B 197 -9.97 5.82 16.97
N GLY B 198 -9.94 4.94 15.98
CA GLY B 198 -11.06 4.02 15.83
C GLY B 198 -11.19 3.23 17.17
N PHE B 199 -10.05 2.78 17.65
CA PHE B 199 -9.94 2.02 18.88
C PHE B 199 -10.36 2.85 20.04
N MET B 200 -9.93 4.07 20.06
CA MET B 200 -10.32 4.84 21.19
C MET B 200 -11.82 5.12 21.35
N LYS B 201 -12.57 5.11 20.24
CA LYS B 201 -14.01 5.36 20.24
C LYS B 201 -14.72 4.31 21.05
N ALA B 202 -14.49 3.09 20.59
CA ALA B 202 -15.10 1.94 21.25
C ALA B 202 -14.94 1.93 22.79
N MET B 203 -13.74 2.33 23.25
CA MET B 203 -13.39 2.39 24.67
C MET B 203 -14.30 3.38 25.36
N GLU B 204 -14.41 4.56 24.78
CA GLU B 204 -15.28 5.58 25.35
C GLU B 204 -16.67 5.02 25.39
N GLU B 205 -17.01 4.34 24.34
CA GLU B 205 -18.33 3.81 24.27
C GLU B 205 -18.47 2.86 25.40
N ALA B 206 -17.36 2.25 25.77
CA ALA B 206 -17.44 1.28 26.82
C ALA B 206 -17.14 1.85 28.15
N MET B 207 -16.90 3.14 28.21
CA MET B 207 -16.59 3.75 29.50
C MET B 207 -15.27 3.12 29.94
N ILE B 208 -14.43 2.78 28.98
CA ILE B 208 -13.15 2.23 29.33
C ILE B 208 -12.08 3.33 29.31
N LYS B 209 -11.16 3.30 30.25
CA LYS B 209 -10.15 4.34 30.31
C LYS B 209 -8.80 3.77 30.05
N VAL B 210 -8.12 4.29 29.06
CA VAL B 210 -6.78 3.79 28.86
C VAL B 210 -5.73 4.69 29.53
N PRO B 211 -5.10 4.16 30.55
CA PRO B 211 -4.05 4.84 31.31
C PRO B 211 -2.91 5.07 30.34
N GLU B 212 -2.34 6.26 30.37
CA GLU B 212 -1.29 6.55 29.41
C GLU B 212 -0.08 5.69 29.54
N SER B 213 0.09 5.07 30.70
CA SER B 213 1.23 4.18 30.89
C SER B 213 0.99 2.98 30.04
N TRP B 214 -0.23 2.87 29.56
CA TRP B 214 -0.53 1.74 28.76
C TRP B 214 -0.54 2.02 27.27
N ILE B 215 -0.14 3.23 26.89
CA ILE B 215 -0.10 3.60 25.46
C ILE B 215 1.29 3.74 24.93
N VAL B 216 1.66 2.95 23.94
CA VAL B 216 3.02 3.09 23.48
C VAL B 216 3.24 3.01 22.03
N GLN B 217 3.62 4.17 21.53
CA GLN B 217 3.91 4.46 20.16
C GLN B 217 4.94 3.56 19.56
N GLY B 218 4.63 3.00 18.40
CA GLY B 218 5.54 2.13 17.66
C GLY B 218 5.92 2.81 16.32
N ASP B 219 6.65 2.10 15.47
CA ASP B 219 7.00 2.74 14.21
C ASP B 219 6.71 1.79 13.09
N PHE B 220 5.90 0.78 13.39
CA PHE B 220 5.51 -0.29 12.45
C PHE B 220 6.63 -1.31 12.36
N GLU B 221 7.70 -1.07 13.10
CA GLU B 221 8.81 -1.98 13.12
C GLU B 221 8.86 -2.85 14.41
N PRO B 222 9.06 -4.11 14.15
CA PRO B 222 9.18 -5.12 15.17
C PRO B 222 10.00 -4.75 16.38
N GLU B 223 11.00 -3.92 16.23
CA GLU B 223 11.69 -3.65 17.43
C GLU B 223 10.78 -2.82 18.27
N SER B 224 10.09 -1.88 17.61
CA SER B 224 9.19 -0.97 18.30
C SER B 224 8.19 -1.73 19.07
N GLY B 225 7.70 -2.80 18.46
CA GLY B 225 6.72 -3.70 19.09
C GLY B 225 7.35 -4.15 20.39
N TYR B 226 8.39 -4.97 20.23
CA TYR B 226 9.22 -5.49 21.29
C TYR B 226 9.31 -4.49 22.46
N ARG B 227 10.00 -3.40 22.24
CA ARG B 227 10.09 -2.43 23.28
C ARG B 227 8.75 -1.92 23.86
N ALA B 228 7.72 -1.75 23.02
CA ALA B 228 6.47 -1.26 23.60
C ALA B 228 5.88 -2.28 24.58
N MET B 229 5.76 -3.51 24.10
CA MET B 229 5.22 -4.55 24.88
C MET B 229 6.00 -4.59 26.11
N GLN B 230 7.32 -4.58 25.96
CA GLN B 230 8.21 -4.64 27.12
C GLN B 230 7.87 -3.59 28.11
N GLN B 231 7.82 -2.39 27.63
CA GLN B 231 7.49 -1.32 28.50
C GLN B 231 6.10 -1.49 29.14
N ILE B 232 5.17 -2.18 28.48
CA ILE B 232 3.88 -2.32 29.13
C ILE B 232 3.85 -3.39 30.21
N LEU B 233 4.44 -4.55 29.92
CA LEU B 233 4.44 -5.65 30.86
C LEU B 233 5.43 -5.42 31.95
N SER B 234 6.24 -4.40 31.79
CA SER B 234 7.27 -4.09 32.79
C SER B 234 6.77 -3.15 33.85
N GLN B 235 5.48 -3.24 34.19
CA GLN B 235 4.94 -2.34 35.19
C GLN B 235 3.94 -3.00 36.10
N PRO B 236 3.89 -2.57 37.37
CA PRO B 236 3.05 -3.14 38.44
C PRO B 236 1.77 -3.82 38.02
N HIS B 237 0.90 -2.97 37.48
CA HIS B 237 -0.41 -3.34 36.99
C HIS B 237 -0.28 -3.37 35.46
N ARG B 238 -0.71 -4.47 34.84
CA ARG B 238 -0.64 -4.54 33.39
C ARG B 238 -2.00 -4.94 32.78
N PRO B 239 -2.28 -4.48 31.57
CA PRO B 239 -3.53 -4.79 30.90
C PRO B 239 -3.66 -6.31 30.69
N THR B 240 -4.89 -6.76 30.40
CA THR B 240 -5.08 -8.19 30.18
C THR B 240 -5.06 -8.42 28.70
N ALA B 241 -5.00 -7.33 27.97
CA ALA B 241 -5.03 -7.45 26.53
C ALA B 241 -4.46 -6.22 25.84
N VAL B 242 -3.90 -6.48 24.64
CA VAL B 242 -3.34 -5.40 23.86
C VAL B 242 -3.63 -5.35 22.37
N PHE B 243 -3.99 -4.15 21.95
CA PHE B 243 -4.29 -3.95 20.55
C PHE B 243 -3.08 -3.29 19.93
N CYS B 244 -2.50 -4.02 19.01
CA CYS B 244 -1.30 -3.60 18.31
C CYS B 244 -1.51 -3.05 16.81
N GLY B 245 -1.22 -1.74 16.65
CA GLY B 245 -1.28 -0.95 15.39
C GLY B 245 -1.01 -1.59 14.04
N GLY B 246 -0.12 -2.60 14.01
CA GLY B 246 0.22 -3.38 12.79
C GLY B 246 0.79 -4.81 13.17
N ASP B 247 0.57 -5.82 12.33
CA ASP B 247 1.09 -7.17 12.61
C ASP B 247 2.67 -7.31 12.83
N ILE B 248 3.46 -6.60 12.03
CA ILE B 248 4.90 -6.77 12.21
C ILE B 248 5.36 -6.29 13.58
N MET B 249 4.70 -5.28 14.06
CA MET B 249 5.04 -4.74 15.37
C MET B 249 4.44 -5.77 16.37
N ALA B 250 3.39 -6.42 15.92
CA ALA B 250 2.70 -7.35 16.77
C ALA B 250 3.60 -8.49 17.03
N MET B 251 4.18 -8.89 15.93
CA MET B 251 5.09 -10.00 15.96
C MET B 251 6.11 -9.50 16.92
N GLY B 252 6.38 -8.22 16.83
CA GLY B 252 7.40 -7.67 17.70
C GLY B 252 7.10 -7.94 19.17
N ALA B 253 5.83 -7.69 19.51
CA ALA B 253 5.43 -7.86 20.86
C ALA B 253 5.31 -9.31 21.25
N LEU B 254 5.07 -10.17 20.27
CA LEU B 254 4.98 -11.55 20.66
C LEU B 254 6.32 -12.02 21.24
N CYS B 255 7.40 -11.69 20.54
CA CYS B 255 8.70 -12.11 21.00
C CYS B 255 9.08 -11.55 22.39
N ALA B 256 8.74 -10.32 22.66
CA ALA B 256 9.10 -9.90 23.99
C ALA B 256 8.32 -10.60 25.14
N ALA B 257 7.05 -10.97 24.92
CA ALA B 257 6.30 -11.62 26.00
C ALA B 257 6.91 -12.97 26.22
N ASP B 258 7.19 -13.68 25.12
CA ASP B 258 7.80 -15.00 25.24
C ASP B 258 9.04 -14.84 26.05
N GLU B 259 9.80 -13.81 25.77
CA GLU B 259 11.02 -13.58 26.50
C GLU B 259 10.80 -13.32 28.00
N MET B 260 9.66 -12.73 28.38
CA MET B 260 9.42 -12.52 29.80
C MET B 260 8.67 -13.77 30.25
N GLY B 261 8.61 -14.79 29.41
CA GLY B 261 7.90 -15.98 29.82
C GLY B 261 6.43 -15.68 30.05
N LEU B 262 5.90 -14.66 29.35
CA LEU B 262 4.47 -14.33 29.44
C LEU B 262 3.81 -15.23 28.45
N ARG B 263 2.62 -15.70 28.76
CA ARG B 263 1.97 -16.64 27.85
C ARG B 263 0.84 -16.04 27.04
N VAL B 264 0.88 -16.27 25.73
CA VAL B 264 -0.12 -15.67 24.86
C VAL B 264 -0.85 -16.72 24.07
N PRO B 265 -2.16 -16.70 24.15
CA PRO B 265 -2.86 -15.66 24.89
C PRO B 265 -3.01 -15.82 26.37
N GLN B 266 -2.77 -17.04 26.87
CA GLN B 266 -2.95 -17.35 28.30
C GLN B 266 -2.67 -16.28 29.30
N ASP B 267 -1.55 -15.58 29.19
CA ASP B 267 -1.29 -14.49 30.15
C ASP B 267 -1.73 -13.16 29.58
N VAL B 268 -1.41 -12.90 28.29
CA VAL B 268 -1.77 -11.62 27.62
C VAL B 268 -2.42 -11.82 26.30
N SER B 269 -3.56 -11.17 26.09
CA SER B 269 -4.22 -11.30 24.80
C SER B 269 -3.66 -10.37 23.67
N LEU B 270 -3.66 -10.86 22.44
CA LEU B 270 -3.08 -9.98 21.46
C LEU B 270 -3.79 -9.68 20.15
N ILE B 271 -4.24 -8.45 19.97
CA ILE B 271 -4.84 -8.24 18.65
C ILE B 271 -4.00 -7.33 17.77
N GLY B 272 -3.76 -7.80 16.54
CA GLY B 272 -2.96 -7.01 15.60
C GLY B 272 -3.81 -6.25 14.54
N TYR B 273 -3.16 -5.86 13.44
CA TYR B 273 -3.85 -5.14 12.38
C TYR B 273 -3.06 -5.16 11.10
N ASP B 274 -3.70 -5.55 9.99
CA ASP B 274 -3.17 -5.61 8.61
C ASP B 274 -3.41 -6.94 7.94
N ASN B 275 -3.18 -7.94 8.75
CA ASN B 275 -3.31 -9.25 8.28
C ASN B 275 -2.30 -9.52 7.18
N VAL B 276 -1.04 -9.48 7.55
CA VAL B 276 -0.01 -9.76 6.55
C VAL B 276 0.00 -11.26 6.24
N ARG B 277 0.50 -11.61 5.06
CA ARG B 277 0.57 -13.01 4.62
C ARG B 277 1.16 -14.06 5.62
N ASN B 278 2.05 -13.63 6.50
CA ASN B 278 2.67 -14.53 7.46
C ASN B 278 2.04 -14.55 8.83
N ALA B 279 1.16 -13.57 9.06
CA ALA B 279 0.44 -13.43 10.33
C ALA B 279 -0.18 -14.80 10.84
N ARG B 280 -0.70 -15.58 9.91
CA ARG B 280 -1.27 -16.84 10.33
C ARG B 280 -0.22 -17.72 10.95
N TYR B 281 1.00 -17.52 10.49
CA TYR B 281 1.99 -18.37 11.00
C TYR B 281 2.78 -17.74 12.08
N PHE B 282 2.22 -16.73 12.69
CA PHE B 282 2.89 -16.21 13.82
C PHE B 282 2.62 -17.34 14.88
N THR B 283 3.24 -17.21 16.05
CA THR B 283 3.09 -18.24 17.10
C THR B 283 2.78 -17.56 18.40
N PRO B 284 1.52 -17.60 18.77
CA PRO B 284 0.49 -18.30 18.02
C PRO B 284 -0.08 -17.57 16.84
N ALA B 285 -1.00 -18.22 16.12
CA ALA B 285 -1.60 -17.60 14.96
C ALA B 285 -2.32 -16.30 15.28
N LEU B 286 -1.78 -15.25 14.69
CA LEU B 286 -2.26 -13.93 14.90
C LEU B 286 -3.71 -13.55 14.61
N THR B 287 -4.29 -12.88 15.55
CA THR B 287 -5.65 -12.47 15.37
C THR B 287 -5.51 -11.00 14.99
N THR B 288 -6.07 -10.65 13.84
CA THR B 288 -5.89 -9.29 13.42
C THR B 288 -6.92 -8.70 12.53
N ILE B 289 -6.83 -7.39 12.37
CA ILE B 289 -7.71 -6.78 11.42
C ILE B 289 -7.03 -6.92 10.04
N HIS B 290 -7.80 -7.39 9.10
CA HIS B 290 -7.28 -7.57 7.79
C HIS B 290 -7.56 -6.40 6.90
N GLN B 291 -6.47 -5.88 6.34
CA GLN B 291 -6.53 -4.81 5.41
C GLN B 291 -6.49 -5.50 4.06
N PRO B 292 -7.47 -5.17 3.22
CA PRO B 292 -7.55 -5.70 1.87
C PRO B 292 -6.38 -5.07 1.19
N LYS B 293 -5.29 -5.79 1.03
CA LYS B 293 -4.20 -5.09 0.39
C LYS B 293 -4.32 -5.16 -1.17
N ASP B 294 -4.65 -6.35 -1.65
CA ASP B 294 -4.83 -6.61 -3.08
C ASP B 294 -5.88 -5.76 -3.78
N SER B 295 -6.77 -5.11 -3.06
CA SER B 295 -7.78 -4.35 -3.78
C SER B 295 -7.34 -2.96 -3.75
N LEU B 296 -6.72 -2.64 -2.63
CA LEU B 296 -6.17 -1.33 -2.47
C LEU B 296 -5.20 -1.20 -3.68
N GLY B 297 -4.66 -2.35 -4.10
CA GLY B 297 -3.74 -2.33 -5.23
C GLY B 297 -4.54 -1.98 -6.45
N GLU B 298 -5.40 -2.92 -6.78
CA GLU B 298 -6.25 -2.87 -7.92
C GLU B 298 -7.09 -1.65 -8.01
N THR B 299 -7.75 -1.29 -6.94
CA THR B 299 -8.58 -0.11 -7.08
C THR B 299 -7.80 1.14 -7.42
N ALA B 300 -6.56 1.24 -6.96
CA ALA B 300 -5.78 2.44 -7.26
C ALA B 300 -5.38 2.47 -8.76
N PHE B 301 -4.89 1.33 -9.22
CA PHE B 301 -4.48 1.25 -10.60
C PHE B 301 -5.58 1.64 -11.48
N ASN B 302 -6.73 1.14 -11.13
CA ASN B 302 -7.89 1.36 -11.92
C ASN B 302 -8.30 2.77 -12.01
N MET B 303 -8.40 3.41 -10.87
CA MET B 303 -8.80 4.80 -10.84
C MET B 303 -7.86 5.55 -11.80
N LEU B 304 -6.57 5.34 -11.60
CA LEU B 304 -5.57 5.99 -12.43
C LEU B 304 -5.84 5.78 -13.89
N LEU B 305 -5.89 4.52 -14.29
CA LEU B 305 -6.15 4.18 -15.68
C LEU B 305 -7.28 5.00 -16.26
N ASP B 306 -8.34 5.09 -15.47
CA ASP B 306 -9.51 5.83 -15.85
C ASP B 306 -9.07 7.20 -16.25
N ARG B 307 -8.64 7.93 -15.23
CA ARG B 307 -8.16 9.27 -15.40
C ARG B 307 -7.25 9.30 -16.63
N ILE B 308 -6.29 8.38 -16.66
CA ILE B 308 -5.37 8.25 -17.75
C ILE B 308 -6.14 8.14 -19.04
N VAL B 309 -6.73 6.99 -19.31
CA VAL B 309 -7.40 6.97 -20.59
C VAL B 309 -8.69 7.73 -20.67
N ASN B 310 -9.51 7.68 -19.66
CA ASN B 310 -10.73 8.41 -19.85
C ASN B 310 -10.62 9.86 -19.58
N LYS B 311 -9.40 10.34 -19.68
CA LYS B 311 -9.08 11.74 -19.46
C LYS B 311 -9.96 12.45 -18.41
N ARG B 312 -10.22 11.72 -17.34
CA ARG B 312 -11.03 12.24 -16.27
C ARG B 312 -10.41 13.47 -15.63
N GLU B 313 -11.27 14.39 -15.24
CA GLU B 313 -10.84 15.63 -14.66
C GLU B 313 -11.02 15.72 -13.16
N GLU B 314 -12.19 15.27 -12.72
CA GLU B 314 -12.53 15.31 -11.33
C GLU B 314 -11.94 14.20 -10.48
N PRO B 315 -11.50 14.66 -9.32
CA PRO B 315 -10.93 13.84 -8.28
C PRO B 315 -12.06 12.95 -7.80
N GLN B 316 -11.73 11.73 -7.52
CA GLN B 316 -12.69 10.76 -7.10
C GLN B 316 -12.06 10.05 -5.92
N SER B 317 -12.89 9.40 -5.10
CA SER B 317 -12.40 8.63 -3.92
C SER B 317 -13.08 7.30 -3.83
N ILE B 318 -12.38 6.27 -3.41
CA ILE B 318 -13.06 5.01 -3.32
C ILE B 318 -12.78 4.42 -1.97
N GLU B 319 -13.82 3.98 -1.27
CA GLU B 319 -13.59 3.44 0.06
C GLU B 319 -13.28 1.97 -0.03
N VAL B 320 -12.63 1.46 0.99
CA VAL B 320 -12.31 0.04 1.02
C VAL B 320 -12.55 -0.37 2.49
N HIS B 321 -12.79 -1.66 2.76
CA HIS B 321 -13.08 -2.11 4.12
C HIS B 321 -12.34 -3.22 4.77
N PRO B 322 -11.89 -2.93 5.98
CA PRO B 322 -11.14 -3.89 6.81
C PRO B 322 -12.12 -4.86 7.46
N ARG B 323 -11.63 -6.02 7.87
CA ARG B 323 -12.54 -6.96 8.48
C ARG B 323 -11.80 -7.89 9.44
N LEU B 324 -12.42 -8.10 10.61
CA LEU B 324 -11.83 -8.92 11.66
C LEU B 324 -11.49 -10.31 11.23
N ILE B 325 -10.29 -10.77 11.58
CA ILE B 325 -9.90 -12.12 11.26
C ILE B 325 -9.57 -12.79 12.59
N GLU B 326 -10.40 -13.74 12.99
CA GLU B 326 -10.16 -14.43 14.25
C GLU B 326 -9.13 -15.58 14.28
N ARG B 327 -8.05 -15.44 15.06
CA ARG B 327 -7.06 -16.52 15.27
C ARG B 327 -6.85 -17.14 16.65
N ARG B 328 -5.60 -17.28 17.06
CA ARG B 328 -5.42 -17.89 18.35
C ARG B 328 -4.82 -17.07 19.41
N SER B 329 -4.56 -15.81 19.13
CA SER B 329 -3.89 -14.93 20.08
C SER B 329 -4.79 -14.21 21.10
N VAL B 330 -6.09 -14.46 21.01
CA VAL B 330 -6.96 -13.80 21.93
C VAL B 330 -7.72 -14.82 22.66
N ALA B 331 -8.00 -14.49 23.93
CA ALA B 331 -8.75 -15.36 24.78
C ALA B 331 -9.69 -14.53 25.59
N ASP B 332 -10.73 -15.20 26.09
CA ASP B 332 -11.73 -14.57 26.93
C ASP B 332 -11.17 -13.77 28.10
N GLY B 333 -11.68 -12.56 28.34
CA GLY B 333 -11.23 -11.74 29.46
C GLY B 333 -12.13 -11.95 30.71
N PRO B 334 -11.69 -11.39 31.82
CA PRO B 334 -12.40 -11.54 33.06
C PRO B 334 -13.90 -11.20 33.07
N PHE B 335 -14.35 -10.37 32.17
CA PHE B 335 -15.79 -10.06 32.20
C PHE B 335 -16.69 -10.71 31.15
N ARG B 336 -16.16 -11.70 30.44
CA ARG B 336 -16.97 -12.39 29.44
C ARG B 336 -18.27 -12.87 30.01
N ASP B 337 -18.21 -13.76 31.00
CA ASP B 337 -19.44 -14.27 31.63
C ASP B 337 -20.44 -13.22 32.11
N TYR B 338 -19.95 -12.04 32.49
CA TYR B 338 -20.80 -10.97 32.97
C TYR B 338 -21.40 -10.11 31.90
N ARG B 339 -21.40 -10.58 30.65
CA ARG B 339 -21.96 -9.81 29.54
C ARG B 339 -23.32 -10.36 29.03
#